data_2M9O
#
_entry.id   2M9O
#
_entity_poly.entity_id   1
_entity_poly.type   'polypeptide(L)'
_entity_poly.pdbx_seq_one_letter_code
;GLPVCGETCTLGTCYTQGCTCSWPICKRN
;
_entity_poly.pdbx_strand_id   A
#
# COMPACT_ATOMS: atom_id res chain seq x y z
N GLY A 1 7.23 -5.99 0.38
CA GLY A 1 7.18 -6.67 -0.90
C GLY A 1 5.93 -7.49 -1.13
N LEU A 2 4.88 -7.22 -0.36
CA LEU A 2 3.62 -7.93 -0.51
C LEU A 2 2.45 -6.95 -0.47
N PRO A 3 1.63 -6.93 -1.52
CA PRO A 3 0.47 -6.04 -1.61
C PRO A 3 -0.73 -6.56 -0.80
N VAL A 4 -0.46 -6.95 0.44
CA VAL A 4 -1.50 -7.49 1.31
C VAL A 4 -1.96 -6.48 2.35
N CYS A 5 -2.02 -5.23 1.96
CA CYS A 5 -2.46 -4.17 2.87
C CYS A 5 -3.96 -4.00 2.79
N GLY A 6 -4.51 -4.23 1.60
CA GLY A 6 -5.94 -4.11 1.40
C GLY A 6 -6.38 -2.67 1.24
N GLU A 7 -5.48 -1.84 0.71
CA GLU A 7 -5.76 -0.43 0.50
C GLU A 7 -5.27 0.00 -0.87
N THR A 8 -5.89 1.05 -1.40
CA THR A 8 -5.51 1.59 -2.68
C THR A 8 -4.71 2.86 -2.47
N CYS A 9 -3.71 3.08 -3.30
CA CYS A 9 -2.89 4.28 -3.16
C CYS A 9 -2.98 5.16 -4.39
N THR A 10 -4.18 5.29 -4.94
CA THR A 10 -4.36 6.15 -6.09
C THR A 10 -4.28 7.60 -5.65
N LEU A 11 -4.63 7.82 -4.39
CA LEU A 11 -4.58 9.15 -3.78
C LEU A 11 -3.16 9.48 -3.32
N GLY A 12 -2.34 8.45 -3.15
CA GLY A 12 -0.98 8.67 -2.69
C GLY A 12 -0.86 8.61 -1.19
N THR A 13 -1.51 7.62 -0.58
CA THR A 13 -1.49 7.43 0.85
C THR A 13 -1.80 5.97 1.20
N CYS A 14 -1.29 5.53 2.34
CA CYS A 14 -1.51 4.18 2.83
C CYS A 14 -1.57 4.25 4.34
N TYR A 15 -2.62 3.69 4.91
CA TYR A 15 -2.81 3.70 6.35
C TYR A 15 -2.21 2.46 6.99
N THR A 16 -1.98 1.43 6.19
CA THR A 16 -1.43 0.19 6.68
C THR A 16 0.05 0.34 7.09
N GLN A 17 0.48 -0.53 7.99
CA GLN A 17 1.85 -0.50 8.51
C GLN A 17 2.84 -1.17 7.57
N GLY A 18 3.96 -0.49 7.36
CA GLY A 18 5.02 -1.00 6.50
C GLY A 18 4.61 -1.07 5.04
N CYS A 19 3.46 -0.48 4.73
CA CYS A 19 2.94 -0.48 3.38
C CYS A 19 3.47 0.71 2.61
N THR A 20 3.90 0.45 1.38
CA THR A 20 4.44 1.49 0.52
C THR A 20 3.51 1.76 -0.63
N CYS A 21 3.40 3.02 -1.03
CA CYS A 21 2.54 3.39 -2.12
C CYS A 21 2.99 2.70 -3.40
N SER A 22 2.11 1.88 -3.94
CA SER A 22 2.37 1.14 -5.14
C SER A 22 1.14 1.20 -6.02
N TRP A 23 0.91 2.39 -6.60
CA TRP A 23 -0.27 2.66 -7.43
C TRP A 23 -0.67 1.45 -8.27
N PRO A 24 -1.95 1.09 -8.21
CA PRO A 24 -2.95 1.79 -7.41
C PRO A 24 -3.22 1.16 -6.03
N ILE A 25 -2.23 0.48 -5.45
CA ILE A 25 -2.43 -0.15 -4.15
C ILE A 25 -1.27 0.15 -3.18
N CYS A 26 -1.23 -0.60 -2.09
CA CYS A 26 -0.18 -0.46 -1.09
C CYS A 26 0.49 -1.81 -0.89
N LYS A 27 1.82 -1.81 -0.81
CA LYS A 27 2.57 -3.05 -0.65
C LYS A 27 3.51 -2.98 0.55
N ARG A 28 3.34 -3.93 1.45
CA ARG A 28 4.18 -4.01 2.66
C ARG A 28 5.19 -5.13 2.51
N ASN A 29 6.44 -4.84 2.87
CA ASN A 29 7.56 -5.81 2.79
C ASN A 29 7.53 -6.64 1.50
N GLY A 1 6.95 -5.83 -0.17
CA GLY A 1 6.75 -6.22 -1.55
C GLY A 1 5.56 -7.15 -1.72
N LEU A 2 4.62 -7.11 -0.79
CA LEU A 2 3.44 -7.95 -0.84
C LEU A 2 2.19 -7.12 -0.62
N PRO A 3 1.22 -7.18 -1.54
CA PRO A 3 -0.04 -6.44 -1.45
C PRO A 3 -0.99 -6.98 -0.39
N VAL A 4 -0.48 -7.22 0.80
CA VAL A 4 -1.30 -7.76 1.88
C VAL A 4 -1.67 -6.69 2.90
N CYS A 5 -1.93 -5.50 2.40
CA CYS A 5 -2.33 -4.38 3.24
C CYS A 5 -3.83 -4.14 3.10
N GLY A 6 -4.33 -4.38 1.90
CA GLY A 6 -5.74 -4.22 1.62
C GLY A 6 -6.13 -2.76 1.46
N GLU A 7 -5.22 -1.94 0.96
CA GLU A 7 -5.51 -0.53 0.74
C GLU A 7 -5.02 -0.08 -0.61
N THR A 8 -5.75 0.85 -1.21
CA THR A 8 -5.38 1.41 -2.48
C THR A 8 -4.69 2.74 -2.19
N CYS A 9 -3.70 3.11 -2.98
CA CYS A 9 -2.99 4.35 -2.72
C CYS A 9 -2.95 5.25 -3.95
N THR A 10 -4.04 5.30 -4.70
CA THR A 10 -4.11 6.16 -5.87
C THR A 10 -4.04 7.62 -5.43
N LEU A 11 -4.43 7.87 -4.18
CA LEU A 11 -4.40 9.21 -3.61
C LEU A 11 -2.98 9.55 -3.15
N GLY A 12 -2.14 8.53 -3.03
CA GLY A 12 -0.77 8.73 -2.58
C GLY A 12 -0.65 8.68 -1.07
N THR A 13 -1.28 7.68 -0.47
CA THR A 13 -1.25 7.52 0.98
C THR A 13 -1.49 6.04 1.34
N CYS A 14 -0.99 5.65 2.51
CA CYS A 14 -1.14 4.28 3.00
C CYS A 14 -1.24 4.34 4.52
N TYR A 15 -2.24 3.67 5.05
CA TYR A 15 -2.47 3.65 6.49
C TYR A 15 -1.87 2.42 7.13
N THR A 16 -1.70 1.36 6.36
CA THR A 16 -1.15 0.12 6.88
C THR A 16 0.34 0.25 7.20
N GLN A 17 0.77 -0.57 8.15
CA GLN A 17 2.16 -0.56 8.61
C GLN A 17 3.11 -1.27 7.64
N GLY A 18 4.26 -0.65 7.41
CA GLY A 18 5.27 -1.22 6.52
C GLY A 18 4.80 -1.31 5.09
N CYS A 19 3.67 -0.69 4.80
CA CYS A 19 3.09 -0.71 3.48
C CYS A 19 3.57 0.48 2.66
N THR A 20 3.99 0.21 1.44
CA THR A 20 4.49 1.24 0.55
C THR A 20 3.51 1.50 -0.56
N CYS A 21 3.35 2.75 -0.93
CA CYS A 21 2.43 3.12 -1.99
C CYS A 21 3.01 2.71 -3.35
N SER A 22 2.28 1.85 -4.01
CA SER A 22 2.64 1.37 -5.32
C SER A 22 1.38 1.36 -6.17
N TRP A 23 1.10 2.54 -6.73
CA TRP A 23 -0.11 2.77 -7.53
C TRP A 23 -0.56 1.53 -8.29
N PRO A 24 -1.82 1.14 -8.06
CA PRO A 24 -2.73 1.85 -7.18
C PRO A 24 -2.96 1.16 -5.81
N ILE A 25 -1.97 0.42 -5.30
CA ILE A 25 -2.16 -0.26 -4.01
C ILE A 25 -0.96 -0.13 -3.07
N CYS A 26 -1.21 -0.38 -1.79
CA CYS A 26 -0.16 -0.34 -0.79
C CYS A 26 0.33 -1.77 -0.54
N LYS A 27 1.64 -1.96 -0.53
CA LYS A 27 2.21 -3.28 -0.32
C LYS A 27 3.34 -3.24 0.71
N ARG A 28 3.33 -4.22 1.61
CA ARG A 28 4.34 -4.33 2.64
C ARG A 28 5.31 -5.44 2.29
N ASN A 29 6.60 -5.16 2.44
CA ASN A 29 7.66 -6.13 2.14
C ASN A 29 7.49 -6.67 0.71
N GLY A 1 7.13 -5.50 0.09
CA GLY A 1 7.06 -5.86 -1.32
C GLY A 1 5.87 -6.74 -1.66
N LEU A 2 4.93 -6.89 -0.73
CA LEU A 2 3.75 -7.72 -0.96
C LEU A 2 2.49 -6.91 -0.78
N PRO A 3 1.65 -6.82 -1.82
CA PRO A 3 0.40 -6.05 -1.77
C PRO A 3 -0.69 -6.73 -0.93
N VAL A 4 -0.33 -7.16 0.27
CA VAL A 4 -1.26 -7.84 1.16
C VAL A 4 -1.72 -6.91 2.28
N CYS A 5 -1.92 -5.66 1.95
CA CYS A 5 -2.38 -4.68 2.92
C CYS A 5 -3.89 -4.55 2.82
N GLY A 6 -4.40 -4.72 1.61
CA GLY A 6 -5.83 -4.63 1.38
C GLY A 6 -6.29 -3.26 0.95
N GLU A 7 -5.47 -2.26 1.24
CA GLU A 7 -5.83 -0.88 0.89
C GLU A 7 -5.33 -0.52 -0.50
N THR A 8 -6.16 0.21 -1.21
CA THR A 8 -5.84 0.69 -2.53
C THR A 8 -5.35 2.13 -2.40
N CYS A 9 -4.44 2.53 -3.26
CA CYS A 9 -3.91 3.88 -3.17
C CYS A 9 -3.64 4.45 -4.55
N THR A 10 -4.17 5.64 -4.79
CA THR A 10 -3.99 6.32 -6.04
C THR A 10 -3.33 7.66 -5.79
N LEU A 11 -3.66 8.25 -4.64
CA LEU A 11 -3.09 9.53 -4.24
C LEU A 11 -1.70 9.34 -3.65
N GLY A 12 -1.60 8.31 -2.81
CA GLY A 12 -0.33 8.01 -2.16
C GLY A 12 -0.51 7.92 -0.65
N THR A 13 -1.53 7.19 -0.24
CA THR A 13 -1.83 7.03 1.18
C THR A 13 -1.97 5.56 1.55
N CYS A 14 -1.44 5.20 2.72
CA CYS A 14 -1.50 3.84 3.22
C CYS A 14 -1.58 3.89 4.73
N TYR A 15 -2.59 3.25 5.29
CA TYR A 15 -2.77 3.23 6.74
C TYR A 15 -2.17 1.95 7.31
N THR A 16 -1.98 0.95 6.48
CA THR A 16 -1.41 -0.32 6.91
C THR A 16 0.05 -0.17 7.31
N GLN A 17 0.51 -1.07 8.16
CA GLN A 17 1.88 -1.05 8.67
C GLN A 17 2.87 -1.64 7.68
N GLY A 18 3.96 -0.90 7.46
CA GLY A 18 5.02 -1.33 6.56
C GLY A 18 4.56 -1.42 5.13
N CYS A 19 3.45 -0.77 4.85
CA CYS A 19 2.86 -0.77 3.51
C CYS A 19 3.25 0.50 2.75
N THR A 20 3.64 0.31 1.50
CA THR A 20 4.03 1.42 0.65
C THR A 20 3.08 1.55 -0.52
N CYS A 21 2.71 2.77 -0.85
CA CYS A 21 1.79 3.01 -1.95
C CYS A 21 2.41 2.58 -3.27
N SER A 22 1.72 1.68 -3.95
CA SER A 22 2.16 1.16 -5.23
C SER A 22 0.95 1.12 -6.14
N TRP A 23 0.63 2.28 -6.71
CA TRP A 23 -0.54 2.46 -7.58
C TRP A 23 -0.91 1.18 -8.34
N PRO A 24 -2.14 0.70 -8.13
CA PRO A 24 -3.12 1.33 -7.25
C PRO A 24 -3.31 0.62 -5.89
N ILE A 25 -2.25 0.08 -5.29
CA ILE A 25 -2.40 -0.62 -4.01
C ILE A 25 -1.16 -0.55 -3.13
N CYS A 26 -1.38 -0.57 -1.83
CA CYS A 26 -0.29 -0.53 -0.87
C CYS A 26 0.34 -1.91 -0.68
N LYS A 27 1.66 -1.97 -0.64
CA LYS A 27 2.38 -3.23 -0.49
C LYS A 27 3.33 -3.19 0.71
N ARG A 28 3.24 -4.21 1.55
CA ARG A 28 4.09 -4.33 2.71
C ARG A 28 5.16 -5.36 2.45
N ASN A 29 6.41 -4.97 2.68
CA ASN A 29 7.56 -5.86 2.45
C ASN A 29 7.54 -6.38 1.00
N GLY A 1 7.02 -5.97 0.32
CA GLY A 1 6.96 -6.39 -1.07
C GLY A 1 5.71 -7.19 -1.42
N LEU A 2 4.78 -7.29 -0.49
CA LEU A 2 3.53 -8.03 -0.72
C LEU A 2 2.32 -7.12 -0.55
N PRO A 3 1.45 -7.05 -1.56
CA PRO A 3 0.23 -6.21 -1.54
C PRO A 3 -0.85 -6.74 -0.59
N VAL A 4 -0.46 -7.04 0.64
CA VAL A 4 -1.39 -7.54 1.64
C VAL A 4 -1.76 -6.48 2.67
N CYS A 5 -1.93 -5.27 2.19
CA CYS A 5 -2.30 -4.15 3.05
C CYS A 5 -3.80 -3.92 3.04
N GLY A 6 -4.40 -4.15 1.87
CA GLY A 6 -5.84 -3.96 1.72
C GLY A 6 -6.20 -2.50 1.55
N GLU A 7 -5.28 -1.73 1.01
CA GLU A 7 -5.50 -0.30 0.77
C GLU A 7 -5.07 0.05 -0.65
N THR A 8 -5.65 1.11 -1.17
CA THR A 8 -5.30 1.58 -2.49
C THR A 8 -4.52 2.89 -2.35
N CYS A 9 -3.52 3.06 -3.19
CA CYS A 9 -2.71 4.27 -3.11
C CYS A 9 -2.86 5.12 -4.36
N THR A 10 -4.07 5.20 -4.89
CA THR A 10 -4.30 6.02 -6.05
C THR A 10 -4.25 7.48 -5.63
N LEU A 11 -4.71 7.72 -4.40
CA LEU A 11 -4.69 9.05 -3.82
C LEU A 11 -3.32 9.36 -3.22
N GLY A 12 -2.52 8.30 -3.04
CA GLY A 12 -1.20 8.47 -2.45
C GLY A 12 -1.24 8.45 -0.93
N THR A 13 -2.09 7.58 -0.40
CA THR A 13 -2.25 7.45 1.04
C THR A 13 -2.49 5.99 1.45
N CYS A 14 -1.80 5.56 2.49
CA CYS A 14 -1.93 4.22 3.04
C CYS A 14 -1.53 4.25 4.51
N TYR A 15 -2.37 3.69 5.35
CA TYR A 15 -2.12 3.69 6.79
C TYR A 15 -1.68 2.32 7.29
N THR A 16 -1.38 1.40 6.39
CA THR A 16 -0.97 0.09 6.79
C THR A 16 0.50 0.05 7.19
N GLN A 17 0.83 -0.94 8.01
CA GLN A 17 2.18 -1.11 8.53
C GLN A 17 3.14 -1.65 7.48
N GLY A 18 4.29 -0.99 7.35
CA GLY A 18 5.33 -1.39 6.41
C GLY A 18 4.85 -1.50 4.98
N CYS A 19 3.83 -0.73 4.66
CA CYS A 19 3.26 -0.74 3.32
C CYS A 19 3.78 0.45 2.51
N THR A 20 4.18 0.17 1.28
CA THR A 20 4.71 1.21 0.40
C THR A 20 3.75 1.50 -0.73
N CYS A 21 3.61 2.78 -1.07
CA CYS A 21 2.73 3.21 -2.13
C CYS A 21 3.15 2.58 -3.46
N SER A 22 2.25 1.78 -4.01
CA SER A 22 2.48 1.10 -5.26
C SER A 22 1.22 1.19 -6.10
N TRP A 23 0.98 2.38 -6.67
CA TRP A 23 -0.22 2.65 -7.46
C TRP A 23 -0.66 1.45 -8.28
N PRO A 24 -1.95 1.08 -8.17
CA PRO A 24 -2.90 1.80 -7.34
C PRO A 24 -3.13 1.17 -5.96
N ILE A 25 -2.13 0.48 -5.42
CA ILE A 25 -2.25 -0.16 -4.10
C ILE A 25 -1.04 0.13 -3.23
N CYS A 26 -0.85 -0.70 -2.22
CA CYS A 26 0.28 -0.58 -1.32
C CYS A 26 0.77 -1.96 -0.94
N LYS A 27 2.09 -2.12 -0.86
CA LYS A 27 2.67 -3.42 -0.56
C LYS A 27 3.54 -3.38 0.69
N ARG A 28 3.32 -4.35 1.55
CA ARG A 28 4.07 -4.51 2.78
C ARG A 28 5.08 -5.60 2.59
N ASN A 29 6.33 -5.27 2.85
CA ASN A 29 7.44 -6.21 2.69
C ASN A 29 7.43 -6.79 1.27
N GLY A 1 7.21 -5.99 -0.04
CA GLY A 1 7.06 -6.55 -1.38
C GLY A 1 5.83 -7.43 -1.52
N LEU A 2 4.84 -7.24 -0.64
CA LEU A 2 3.61 -8.02 -0.70
C LEU A 2 2.41 -7.10 -0.56
N PRO A 3 1.52 -7.10 -1.56
CA PRO A 3 0.31 -6.27 -1.57
C PRO A 3 -0.79 -6.83 -0.67
N VAL A 4 -0.42 -7.16 0.57
CA VAL A 4 -1.36 -7.71 1.52
C VAL A 4 -1.81 -6.68 2.55
N CYS A 5 -1.87 -5.44 2.13
CA CYS A 5 -2.29 -4.36 3.02
C CYS A 5 -3.80 -4.19 2.92
N GLY A 6 -4.33 -4.40 1.73
CA GLY A 6 -5.76 -4.28 1.50
C GLY A 6 -6.21 -2.84 1.39
N GLU A 7 -5.33 -1.99 0.88
CA GLU A 7 -5.64 -0.58 0.70
C GLU A 7 -5.15 -0.10 -0.65
N THR A 8 -5.87 0.86 -1.21
CA THR A 8 -5.49 1.46 -2.46
C THR A 8 -4.72 2.73 -2.15
N CYS A 9 -3.72 3.04 -2.94
CA CYS A 9 -2.94 4.23 -2.67
C CYS A 9 -2.91 5.17 -3.87
N THR A 10 -4.00 5.20 -4.62
CA THR A 10 -4.11 6.08 -5.77
C THR A 10 -4.03 7.54 -5.32
N LEU A 11 -4.44 7.77 -4.08
CA LEU A 11 -4.41 9.12 -3.50
C LEU A 11 -3.01 9.46 -3.00
N GLY A 12 -2.11 8.48 -3.05
CA GLY A 12 -0.74 8.70 -2.60
C GLY A 12 -0.63 8.63 -1.09
N THR A 13 -1.28 7.63 -0.51
CA THR A 13 -1.25 7.44 0.94
C THR A 13 -1.52 5.98 1.28
N CYS A 14 -1.05 5.56 2.45
CA CYS A 14 -1.23 4.21 2.93
C CYS A 14 -1.41 4.25 4.44
N TYR A 15 -2.44 3.60 4.91
CA TYR A 15 -2.76 3.58 6.34
C TYR A 15 -2.15 2.35 7.00
N THR A 16 -1.91 1.31 6.22
CA THR A 16 -1.35 0.09 6.75
C THR A 16 0.11 0.24 7.17
N GLN A 17 0.51 -0.60 8.11
CA GLN A 17 1.87 -0.57 8.65
C GLN A 17 2.89 -1.19 7.69
N GLY A 18 4.00 -0.46 7.48
CA GLY A 18 5.07 -0.91 6.62
C GLY A 18 4.66 -1.07 5.18
N CYS A 19 3.54 -0.47 4.82
CA CYS A 19 3.03 -0.55 3.47
C CYS A 19 3.52 0.63 2.63
N THR A 20 3.94 0.34 1.41
CA THR A 20 4.44 1.36 0.51
C THR A 20 3.49 1.54 -0.66
N CYS A 21 3.33 2.78 -1.10
CA CYS A 21 2.44 3.06 -2.19
C CYS A 21 2.98 2.52 -3.50
N SER A 22 2.20 1.66 -4.12
CA SER A 22 2.53 1.06 -5.39
C SER A 22 1.28 1.12 -6.24
N TRP A 23 0.99 2.34 -6.71
CA TRP A 23 -0.20 2.66 -7.49
C TRP A 23 -0.74 1.48 -8.28
N PRO A 24 -2.01 1.15 -8.06
CA PRO A 24 -2.87 1.87 -7.13
C PRO A 24 -3.09 1.14 -5.80
N ILE A 25 -2.11 0.39 -5.30
CA ILE A 25 -2.29 -0.34 -4.04
C ILE A 25 -1.10 -0.19 -3.09
N CYS A 26 -1.34 -0.47 -1.82
CA CYS A 26 -0.30 -0.43 -0.81
C CYS A 26 0.34 -1.80 -0.69
N LYS A 27 1.67 -1.83 -0.64
CA LYS A 27 2.41 -3.09 -0.58
C LYS A 27 3.47 -3.06 0.51
N ARG A 28 3.40 -4.02 1.43
CA ARG A 28 4.39 -4.11 2.51
C ARG A 28 5.32 -5.28 2.29
N ASN A 29 6.61 -5.03 2.50
CA ASN A 29 7.65 -6.05 2.34
C ASN A 29 7.53 -6.76 0.99
N GLY A 1 6.83 -5.93 0.59
CA GLY A 1 6.93 -6.42 -0.76
C GLY A 1 5.70 -7.22 -1.19
N LEU A 2 4.62 -7.13 -0.43
CA LEU A 2 3.38 -7.83 -0.75
C LEU A 2 2.19 -6.89 -0.62
N PRO A 3 1.29 -6.87 -1.61
CA PRO A 3 0.10 -6.02 -1.59
C PRO A 3 -0.96 -6.53 -0.61
N VAL A 4 -0.54 -6.82 0.60
CA VAL A 4 -1.44 -7.33 1.62
C VAL A 4 -1.82 -6.26 2.65
N CYS A 5 -1.88 -5.03 2.19
CA CYS A 5 -2.27 -3.93 3.07
C CYS A 5 -3.79 -3.76 3.00
N GLY A 6 -4.34 -4.12 1.85
CA GLY A 6 -5.78 -4.03 1.64
C GLY A 6 -6.22 -2.60 1.41
N GLU A 7 -5.35 -1.80 0.82
CA GLU A 7 -5.66 -0.41 0.53
C GLU A 7 -5.17 -0.02 -0.84
N THR A 8 -5.83 0.96 -1.44
CA THR A 8 -5.40 1.48 -2.71
C THR A 8 -4.59 2.73 -2.44
N CYS A 9 -3.56 2.97 -3.22
CA CYS A 9 -2.74 4.14 -2.95
C CYS A 9 -2.76 5.13 -4.11
N THR A 10 -3.90 5.21 -4.80
CA THR A 10 -4.03 6.16 -5.90
C THR A 10 -3.95 7.58 -5.34
N LEU A 11 -4.40 7.73 -4.09
CA LEU A 11 -4.37 9.02 -3.40
C LEU A 11 -2.98 9.29 -2.81
N GLY A 12 -2.09 8.31 -2.94
CA GLY A 12 -0.74 8.46 -2.43
C GLY A 12 -0.65 8.31 -0.92
N THR A 13 -1.30 7.29 -0.38
CA THR A 13 -1.28 7.05 1.06
C THR A 13 -1.61 5.60 1.37
N CYS A 14 -1.13 5.12 2.51
CA CYS A 14 -1.35 3.76 2.99
C CYS A 14 -1.32 3.80 4.52
N TYR A 15 -2.36 3.30 5.14
CA TYR A 15 -2.47 3.30 6.60
C TYR A 15 -1.66 2.17 7.24
N THR A 16 -1.57 1.05 6.54
CA THR A 16 -0.84 -0.11 7.05
C THR A 16 0.63 0.19 7.34
N GLN A 17 1.19 -0.58 8.26
CA GLN A 17 2.58 -0.40 8.67
C GLN A 17 3.53 -1.06 7.67
N GLY A 18 4.55 -0.29 7.26
CA GLY A 18 5.54 -0.80 6.33
C GLY A 18 4.98 -1.00 4.94
N CYS A 19 3.92 -0.29 4.62
CA CYS A 19 3.29 -0.40 3.32
C CYS A 19 3.87 0.68 2.39
N THR A 20 3.97 0.37 1.11
CA THR A 20 4.50 1.30 0.14
C THR A 20 3.56 1.43 -1.04
N CYS A 21 3.44 2.64 -1.56
CA CYS A 21 2.54 2.88 -2.67
C CYS A 21 3.06 2.26 -3.95
N SER A 22 2.21 1.45 -4.55
CA SER A 22 2.50 0.79 -5.81
C SER A 22 1.25 0.93 -6.67
N TRP A 23 1.00 2.20 -7.03
CA TRP A 23 -0.18 2.61 -7.79
C TRP A 23 -0.75 1.51 -8.67
N PRO A 24 -2.04 1.22 -8.48
CA PRO A 24 -2.87 1.91 -7.50
C PRO A 24 -3.08 1.12 -6.20
N ILE A 25 -2.14 0.25 -5.83
CA ILE A 25 -2.30 -0.56 -4.62
C ILE A 25 -1.18 -0.35 -3.60
N CYS A 26 -1.51 -0.59 -2.35
CA CYS A 26 -0.56 -0.49 -1.26
C CYS A 26 0.14 -1.84 -1.11
N LYS A 27 1.46 -1.81 -0.91
CA LYS A 27 2.25 -3.03 -0.79
C LYS A 27 3.21 -2.98 0.40
N ARG A 28 3.00 -3.84 1.38
CA ARG A 28 3.86 -3.89 2.57
C ARG A 28 4.73 -5.13 2.54
N ASN A 29 5.97 -4.97 2.97
CA ASN A 29 6.93 -6.06 3.01
C ASN A 29 7.07 -6.71 1.63
N GLY A 1 6.91 -5.68 -0.32
CA GLY A 1 6.64 -6.04 -1.70
C GLY A 1 5.44 -6.96 -1.85
N LEU A 2 4.63 -7.07 -0.80
CA LEU A 2 3.43 -7.92 -0.83
C LEU A 2 2.19 -7.08 -0.61
N PRO A 3 1.22 -7.16 -1.54
CA PRO A 3 -0.05 -6.41 -1.45
C PRO A 3 -1.02 -7.01 -0.44
N VAL A 4 -0.53 -7.26 0.76
CA VAL A 4 -1.37 -7.84 1.80
C VAL A 4 -1.79 -6.80 2.82
N CYS A 5 -1.94 -5.58 2.35
CA CYS A 5 -2.36 -4.47 3.20
C CYS A 5 -3.86 -4.25 3.04
N GLY A 6 -4.33 -4.49 1.81
CA GLY A 6 -5.74 -4.33 1.52
C GLY A 6 -6.15 -2.88 1.37
N GLU A 7 -5.23 -2.05 0.91
CA GLU A 7 -5.51 -0.63 0.72
C GLU A 7 -5.00 -0.16 -0.63
N THR A 8 -5.72 0.79 -1.21
CA THR A 8 -5.33 1.38 -2.47
C THR A 8 -4.62 2.68 -2.16
N CYS A 9 -3.62 3.04 -2.93
CA CYS A 9 -2.89 4.25 -2.64
C CYS A 9 -2.81 5.18 -3.86
N THR A 10 -3.88 5.24 -4.62
CA THR A 10 -3.92 6.11 -5.78
C THR A 10 -3.79 7.57 -5.35
N LEU A 11 -4.28 7.86 -4.14
CA LEU A 11 -4.22 9.20 -3.59
C LEU A 11 -2.85 9.45 -2.94
N GLY A 12 -1.99 8.45 -2.98
CA GLY A 12 -0.66 8.58 -2.40
C GLY A 12 -0.68 8.51 -0.89
N THR A 13 -1.36 7.50 -0.36
CA THR A 13 -1.46 7.32 1.09
C THR A 13 -1.63 5.84 1.43
N CYS A 14 -1.17 5.46 2.61
CA CYS A 14 -1.26 4.11 3.10
C CYS A 14 -1.38 4.16 4.62
N TYR A 15 -2.33 3.42 5.15
CA TYR A 15 -2.57 3.40 6.59
C TYR A 15 -1.99 2.15 7.23
N THR A 16 -1.77 1.12 6.44
CA THR A 16 -1.23 -0.13 6.95
C THR A 16 0.24 -0.01 7.33
N GLN A 17 0.64 -0.83 8.28
CA GLN A 17 2.02 -0.83 8.79
C GLN A 17 2.99 -1.52 7.83
N GLY A 18 4.13 -0.85 7.63
CA GLY A 18 5.19 -1.36 6.77
C GLY A 18 4.79 -1.40 5.30
N CYS A 19 3.61 -0.89 5.01
CA CYS A 19 3.09 -0.88 3.65
C CYS A 19 3.59 0.33 2.88
N THR A 20 4.01 0.10 1.64
CA THR A 20 4.52 1.16 0.79
C THR A 20 3.56 1.38 -0.37
N CYS A 21 3.43 2.63 -0.78
CA CYS A 21 2.54 2.97 -1.88
C CYS A 21 3.14 2.56 -3.21
N SER A 22 2.41 1.72 -3.91
CA SER A 22 2.78 1.25 -5.22
C SER A 22 1.53 1.30 -6.08
N TRP A 23 1.26 2.50 -6.60
CA TRP A 23 0.07 2.78 -7.40
C TRP A 23 -0.41 1.58 -8.19
N PRO A 24 -1.69 1.22 -8.00
CA PRO A 24 -2.58 1.91 -7.10
C PRO A 24 -2.84 1.17 -5.77
N ILE A 25 -1.87 0.42 -5.25
CA ILE A 25 -2.08 -0.32 -4.00
C ILE A 25 -0.92 -0.19 -3.02
N CYS A 26 -1.22 -0.45 -1.75
CA CYS A 26 -0.22 -0.43 -0.70
C CYS A 26 0.30 -1.85 -0.49
N LYS A 27 1.61 -2.01 -0.48
CA LYS A 27 2.22 -3.33 -0.30
C LYS A 27 3.37 -3.27 0.68
N ARG A 28 3.41 -4.22 1.62
CA ARG A 28 4.47 -4.28 2.60
C ARG A 28 5.45 -5.37 2.22
N ASN A 29 6.73 -5.03 2.27
CA ASN A 29 7.79 -5.98 1.91
C ASN A 29 7.59 -6.48 0.48
N GLY A 1 7.07 -6.18 -0.09
CA GLY A 1 7.04 -6.66 -1.46
C GLY A 1 5.78 -7.44 -1.80
N LEU A 2 4.78 -7.35 -0.95
CA LEU A 2 3.52 -8.05 -1.17
C LEU A 2 2.34 -7.13 -0.86
N PRO A 3 1.29 -7.18 -1.70
CA PRO A 3 0.09 -6.35 -1.51
C PRO A 3 -0.78 -6.85 -0.36
N VAL A 4 -0.17 -7.03 0.80
CA VAL A 4 -0.88 -7.53 1.96
C VAL A 4 -1.22 -6.43 2.95
N CYS A 5 -1.81 -5.38 2.43
CA CYS A 5 -2.23 -4.25 3.24
C CYS A 5 -3.74 -4.06 3.11
N GLY A 6 -4.24 -4.37 1.92
CA GLY A 6 -5.66 -4.27 1.65
C GLY A 6 -6.12 -2.84 1.44
N GLU A 7 -5.22 -2.00 0.93
CA GLU A 7 -5.54 -0.60 0.67
C GLU A 7 -5.03 -0.17 -0.69
N THR A 8 -5.72 0.80 -1.27
CA THR A 8 -5.30 1.38 -2.52
C THR A 8 -4.56 2.66 -2.19
N CYS A 9 -3.54 2.98 -2.95
CA CYS A 9 -2.78 4.18 -2.64
C CYS A 9 -2.76 5.16 -3.81
N THR A 10 -3.85 5.21 -4.55
CA THR A 10 -3.94 6.12 -5.69
C THR A 10 -3.84 7.57 -5.20
N LEU A 11 -4.32 7.80 -3.97
CA LEU A 11 -4.28 9.12 -3.36
C LEU A 11 -2.90 9.41 -2.76
N GLY A 12 -2.01 8.42 -2.83
CA GLY A 12 -0.68 8.57 -2.28
C GLY A 12 -0.66 8.46 -0.77
N THR A 13 -1.33 7.45 -0.24
CA THR A 13 -1.39 7.23 1.20
C THR A 13 -1.61 5.76 1.51
N CYS A 14 -1.17 5.34 2.69
CA CYS A 14 -1.32 3.97 3.17
C CYS A 14 -1.40 3.98 4.68
N TYR A 15 -2.44 3.39 5.22
CA TYR A 15 -2.65 3.36 6.66
C TYR A 15 -1.91 2.18 7.31
N THR A 16 -1.62 1.16 6.52
CA THR A 16 -0.94 -0.02 7.04
C THR A 16 0.52 0.27 7.37
N GLN A 17 1.06 -0.55 8.25
CA GLN A 17 2.44 -0.40 8.70
C GLN A 17 3.37 -1.21 7.81
N GLY A 18 4.45 -0.57 7.37
CA GLY A 18 5.42 -1.23 6.51
C GLY A 18 4.91 -1.39 5.09
N CYS A 19 3.87 -0.66 4.76
CA CYS A 19 3.27 -0.69 3.45
C CYS A 19 3.75 0.51 2.63
N THR A 20 4.11 0.26 1.38
CA THR A 20 4.61 1.31 0.52
C THR A 20 3.67 1.52 -0.65
N CYS A 21 3.49 2.77 -1.06
CA CYS A 21 2.60 3.06 -2.15
C CYS A 21 3.16 2.54 -3.47
N SER A 22 2.38 1.67 -4.10
CA SER A 22 2.70 1.09 -5.38
C SER A 22 1.45 1.18 -6.23
N TRP A 23 1.18 2.41 -6.69
CA TRP A 23 -0.01 2.72 -7.46
C TRP A 23 -0.53 1.55 -8.29
N PRO A 24 -1.80 1.21 -8.08
CA PRO A 24 -2.66 1.90 -7.15
C PRO A 24 -2.90 1.15 -5.82
N ILE A 25 -1.91 0.39 -5.36
CA ILE A 25 -2.09 -0.38 -4.12
C ILE A 25 -0.92 -0.23 -3.14
N CYS A 26 -1.18 -0.51 -1.87
CA CYS A 26 -0.16 -0.46 -0.85
C CYS A 26 0.55 -1.82 -0.80
N LYS A 27 1.87 -1.80 -0.79
CA LYS A 27 2.66 -3.02 -0.80
C LYS A 27 3.59 -3.11 0.41
N ARG A 28 3.38 -4.12 1.23
CA ARG A 28 4.19 -4.37 2.40
C ARG A 28 5.13 -5.52 2.14
N ASN A 29 6.39 -5.34 2.50
CA ASN A 29 7.46 -6.33 2.31
C ASN A 29 7.45 -6.97 0.91
N GLY A 1 6.91 -5.43 -0.39
CA GLY A 1 6.61 -5.85 -1.75
C GLY A 1 5.44 -6.80 -1.85
N LEU A 2 4.61 -6.84 -0.80
CA LEU A 2 3.44 -7.72 -0.79
C LEU A 2 2.17 -6.92 -0.52
N PRO A 3 1.17 -7.02 -1.42
CA PRO A 3 -0.10 -6.30 -1.28
C PRO A 3 -1.02 -6.91 -0.23
N VAL A 4 -0.49 -7.17 0.95
CA VAL A 4 -1.28 -7.76 2.03
C VAL A 4 -1.68 -6.72 3.08
N CYS A 5 -2.30 -5.66 2.59
CA CYS A 5 -2.79 -4.58 3.43
C CYS A 5 -4.26 -4.31 3.12
N GLY A 6 -4.62 -4.52 1.86
CA GLY A 6 -6.00 -4.33 1.44
C GLY A 6 -6.36 -2.88 1.22
N GLU A 7 -5.41 -2.07 0.76
CA GLU A 7 -5.67 -0.67 0.50
C GLU A 7 -5.02 -0.18 -0.77
N THR A 8 -5.72 0.72 -1.45
CA THR A 8 -5.22 1.32 -2.66
C THR A 8 -4.52 2.62 -2.29
N CYS A 9 -3.47 2.99 -3.00
CA CYS A 9 -2.76 4.20 -2.64
C CYS A 9 -2.63 5.16 -3.82
N THR A 10 -3.67 5.23 -4.64
CA THR A 10 -3.65 6.15 -5.78
C THR A 10 -3.55 7.60 -5.28
N LEU A 11 -4.05 7.83 -4.07
CA LEU A 11 -4.01 9.14 -3.45
C LEU A 11 -2.64 9.40 -2.80
N GLY A 12 -1.82 8.35 -2.74
CA GLY A 12 -0.50 8.48 -2.16
C GLY A 12 -0.53 8.37 -0.64
N THR A 13 -1.22 7.37 -0.13
CA THR A 13 -1.34 7.16 1.31
C THR A 13 -1.64 5.70 1.62
N CYS A 14 -1.26 5.26 2.81
CA CYS A 14 -1.48 3.90 3.27
C CYS A 14 -1.75 3.94 4.77
N TYR A 15 -2.81 3.29 5.19
CA TYR A 15 -3.20 3.25 6.59
C TYR A 15 -2.52 2.11 7.33
N THR A 16 -2.25 1.01 6.63
CA THR A 16 -1.62 -0.14 7.26
C THR A 16 -0.15 0.12 7.58
N GLN A 17 0.34 -0.53 8.61
CA GLN A 17 1.73 -0.39 9.03
C GLN A 17 2.64 -1.28 8.20
N GLY A 18 3.74 -0.70 7.75
CA GLY A 18 4.70 -1.45 6.96
C GLY A 18 4.43 -1.38 5.48
N CYS A 19 3.22 -1.01 5.10
CA CYS A 19 2.84 -0.92 3.71
C CYS A 19 3.46 0.31 3.06
N THR A 20 3.79 0.18 1.78
CA THR A 20 4.37 1.28 1.03
C THR A 20 3.56 1.49 -0.23
N CYS A 21 3.38 2.73 -0.63
CA CYS A 21 2.60 3.03 -1.81
C CYS A 21 3.26 2.51 -3.07
N SER A 22 2.53 1.65 -3.76
CA SER A 22 2.98 1.06 -5.00
C SER A 22 1.82 1.11 -5.97
N TRP A 23 1.50 2.34 -6.40
CA TRP A 23 0.38 2.64 -7.30
C TRP A 23 -0.03 1.46 -8.17
N PRO A 24 -1.34 1.15 -8.15
CA PRO A 24 -2.31 1.89 -7.37
C PRO A 24 -2.66 1.24 -6.02
N ILE A 25 -1.78 0.41 -5.47
CA ILE A 25 -2.08 -0.24 -4.19
C ILE A 25 -0.89 -0.19 -3.24
N CYS A 26 -1.17 -0.35 -1.96
CA CYS A 26 -0.14 -0.36 -0.94
C CYS A 26 0.44 -1.77 -0.81
N LYS A 27 1.74 -1.87 -0.69
CA LYS A 27 2.42 -3.15 -0.55
C LYS A 27 3.43 -3.10 0.58
N ARG A 28 3.36 -4.08 1.47
CA ARG A 28 4.30 -4.16 2.58
C ARG A 28 5.34 -5.22 2.26
N ASN A 29 6.59 -4.79 2.23
CA ASN A 29 7.70 -5.67 1.89
C ASN A 29 7.47 -6.27 0.50
N GLY A 1 7.07 -6.01 0.43
CA GLY A 1 7.11 -6.49 -0.94
C GLY A 1 5.87 -7.29 -1.33
N LEU A 2 4.83 -7.22 -0.50
CA LEU A 2 3.60 -7.94 -0.76
C LEU A 2 2.40 -7.00 -0.60
N PRO A 3 1.52 -6.95 -1.61
CA PRO A 3 0.33 -6.09 -1.60
C PRO A 3 -0.77 -6.64 -0.68
N VAL A 4 -0.41 -6.99 0.54
CA VAL A 4 -1.37 -7.54 1.49
C VAL A 4 -1.78 -6.52 2.55
N CYS A 5 -2.04 -5.31 2.10
CA CYS A 5 -2.47 -4.24 3.00
C CYS A 5 -3.98 -4.08 2.91
N GLY A 6 -4.52 -4.28 1.71
CA GLY A 6 -5.94 -4.16 1.49
C GLY A 6 -6.38 -2.73 1.30
N GLU A 7 -5.48 -1.90 0.77
CA GLU A 7 -5.78 -0.48 0.53
C GLU A 7 -5.25 -0.06 -0.82
N THR A 8 -5.92 0.92 -1.40
CA THR A 8 -5.48 1.51 -2.65
C THR A 8 -4.72 2.76 -2.31
N CYS A 9 -3.68 3.05 -3.04
CA CYS A 9 -2.88 4.23 -2.71
C CYS A 9 -2.85 5.22 -3.87
N THR A 10 -3.94 5.32 -4.62
CA THR A 10 -4.02 6.25 -5.72
C THR A 10 -3.95 7.68 -5.20
N LEU A 11 -4.34 7.86 -3.94
CA LEU A 11 -4.29 9.17 -3.29
C LEU A 11 -2.89 9.46 -2.80
N GLY A 12 -2.06 8.42 -2.75
CA GLY A 12 -0.69 8.56 -2.29
C GLY A 12 -0.58 8.44 -0.79
N THR A 13 -1.28 7.46 -0.24
CA THR A 13 -1.27 7.22 1.21
C THR A 13 -1.60 5.76 1.51
N CYS A 14 -1.18 5.29 2.67
CA CYS A 14 -1.42 3.93 3.13
C CYS A 14 -1.52 3.93 4.65
N TYR A 15 -2.60 3.39 5.17
CA TYR A 15 -2.83 3.35 6.61
C TYR A 15 -2.18 2.12 7.25
N THR A 16 -1.93 1.09 6.45
CA THR A 16 -1.34 -0.13 6.96
C THR A 16 0.13 0.04 7.34
N GLN A 17 0.60 -0.86 8.18
CA GLN A 17 1.97 -0.83 8.68
C GLN A 17 2.95 -1.43 7.67
N GLY A 18 4.03 -0.68 7.44
CA GLY A 18 5.08 -1.11 6.53
C GLY A 18 4.62 -1.21 5.09
N CYS A 19 3.50 -0.56 4.79
CA CYS A 19 2.95 -0.56 3.45
C CYS A 19 3.47 0.63 2.65
N THR A 20 3.87 0.36 1.43
CA THR A 20 4.40 1.40 0.55
C THR A 20 3.48 1.58 -0.64
N CYS A 21 3.35 2.81 -1.10
CA CYS A 21 2.48 3.08 -2.21
C CYS A 21 3.05 2.53 -3.51
N SER A 22 2.27 1.68 -4.15
CA SER A 22 2.61 1.06 -5.41
C SER A 22 1.38 1.16 -6.28
N TRP A 23 1.08 2.39 -6.70
CA TRP A 23 -0.10 2.74 -7.48
C TRP A 23 -0.61 1.60 -8.33
N PRO A 24 -1.89 1.25 -8.13
CA PRO A 24 -2.76 1.92 -7.18
C PRO A 24 -2.98 1.13 -5.88
N ILE A 25 -2.00 0.35 -5.44
CA ILE A 25 -2.17 -0.45 -4.22
C ILE A 25 -1.02 -0.27 -3.23
N CYS A 26 -1.29 -0.58 -1.96
CA CYS A 26 -0.28 -0.51 -0.92
C CYS A 26 0.43 -1.86 -0.82
N LYS A 27 1.76 -1.82 -0.72
CA LYS A 27 2.57 -3.03 -0.66
C LYS A 27 3.46 -3.05 0.58
N ARG A 28 3.25 -4.03 1.44
CA ARG A 28 4.05 -4.17 2.66
C ARG A 28 4.99 -5.36 2.54
N ASN A 29 6.24 -5.15 2.89
CA ASN A 29 7.27 -6.21 2.83
C ASN A 29 7.34 -6.82 1.44
N GLY A 1 7.36 -6.25 0.18
CA GLY A 1 7.36 -6.76 -1.18
C GLY A 1 6.11 -7.54 -1.54
N LEU A 2 5.08 -7.45 -0.71
CA LEU A 2 3.82 -8.14 -0.95
C LEU A 2 2.66 -7.17 -0.79
N PRO A 3 1.80 -7.06 -1.81
CA PRO A 3 0.63 -6.16 -1.79
C PRO A 3 -0.51 -6.72 -0.93
N VAL A 4 -0.17 -7.17 0.27
CA VAL A 4 -1.17 -7.74 1.16
C VAL A 4 -1.56 -6.79 2.29
N CYS A 5 -1.79 -5.55 1.95
CA CYS A 5 -2.20 -4.55 2.93
C CYS A 5 -3.71 -4.38 2.90
N GLY A 6 -4.29 -4.53 1.72
CA GLY A 6 -5.72 -4.39 1.56
C GLY A 6 -6.15 -2.95 1.52
N GLU A 7 -5.27 -2.09 1.00
CA GLU A 7 -5.55 -0.67 0.88
C GLU A 7 -5.10 -0.15 -0.47
N THR A 8 -5.76 0.91 -0.91
CA THR A 8 -5.42 1.54 -2.18
C THR A 8 -4.59 2.78 -1.94
N CYS A 9 -3.63 3.04 -2.80
CA CYS A 9 -2.78 4.21 -2.65
C CYS A 9 -2.86 5.11 -3.88
N THR A 10 -4.05 5.30 -4.41
CA THR A 10 -4.20 6.17 -5.57
C THR A 10 -4.04 7.62 -5.13
N LEU A 11 -4.34 7.86 -3.85
CA LEU A 11 -4.20 9.19 -3.26
C LEU A 11 -2.75 9.45 -2.87
N GLY A 12 -1.97 8.38 -2.74
CA GLY A 12 -0.58 8.51 -2.34
C GLY A 12 -0.43 8.43 -0.84
N THR A 13 -1.26 7.59 -0.22
CA THR A 13 -1.24 7.39 1.22
C THR A 13 -1.57 5.94 1.57
N CYS A 14 -0.88 5.40 2.57
CA CYS A 14 -1.11 4.04 3.02
C CYS A 14 -1.24 4.05 4.54
N TYR A 15 -2.36 3.54 5.01
CA TYR A 15 -2.63 3.50 6.44
C TYR A 15 -2.01 2.26 7.08
N THR A 16 -1.80 1.23 6.27
CA THR A 16 -1.23 -0.01 6.77
C THR A 16 0.24 0.17 7.15
N GLN A 17 0.67 -0.68 8.07
CA GLN A 17 2.04 -0.64 8.57
C GLN A 17 2.97 -1.44 7.69
N GLY A 18 4.16 -0.88 7.45
CA GLY A 18 5.16 -1.53 6.62
C GLY A 18 4.73 -1.62 5.17
N CYS A 19 3.73 -0.85 4.83
CA CYS A 19 3.17 -0.82 3.49
C CYS A 19 3.70 0.38 2.72
N THR A 20 4.10 0.15 1.48
CA THR A 20 4.63 1.20 0.63
C THR A 20 3.66 1.53 -0.47
N CYS A 21 3.58 2.80 -0.85
CA CYS A 21 2.67 3.21 -1.91
C CYS A 21 3.06 2.57 -3.23
N SER A 22 2.15 1.78 -3.75
CA SER A 22 2.35 1.09 -5.01
C SER A 22 1.08 1.21 -5.83
N TRP A 23 0.86 2.41 -6.36
CA TRP A 23 -0.33 2.73 -7.15
C TRP A 23 -0.81 1.55 -7.99
N PRO A 24 -2.09 1.20 -7.85
CA PRO A 24 -3.03 1.90 -6.98
C PRO A 24 -3.26 1.22 -5.61
N ILE A 25 -2.24 0.52 -5.09
CA ILE A 25 -2.38 -0.17 -3.80
C ILE A 25 -1.17 0.09 -2.90
N CYS A 26 -1.04 -0.73 -1.86
CA CYS A 26 0.07 -0.62 -0.92
C CYS A 26 0.76 -1.98 -0.81
N LYS A 27 2.10 -1.96 -0.79
CA LYS A 27 2.90 -3.19 -0.73
C LYS A 27 3.75 -3.26 0.53
N ARG A 28 3.52 -4.29 1.33
CA ARG A 28 4.29 -4.51 2.55
C ARG A 28 5.27 -5.66 2.37
N ASN A 29 6.52 -5.41 2.70
CA ASN A 29 7.59 -6.43 2.60
C ASN A 29 7.63 -7.06 1.20
N GLY A 1 6.76 -5.31 -0.17
CA GLY A 1 6.50 -5.64 -1.56
C GLY A 1 5.33 -6.59 -1.73
N LEU A 2 4.56 -6.82 -0.66
CA LEU A 2 3.42 -7.71 -0.72
C LEU A 2 2.12 -6.94 -0.51
N PRO A 3 1.18 -7.04 -1.47
CA PRO A 3 -0.11 -6.35 -1.40
C PRO A 3 -1.09 -7.04 -0.45
N VAL A 4 -0.65 -7.27 0.78
CA VAL A 4 -1.50 -7.92 1.77
C VAL A 4 -2.05 -6.93 2.77
N CYS A 5 -2.11 -5.68 2.37
CA CYS A 5 -2.63 -4.61 3.21
C CYS A 5 -4.13 -4.47 2.98
N GLY A 6 -4.54 -4.73 1.74
CA GLY A 6 -5.94 -4.66 1.37
C GLY A 6 -6.41 -3.24 1.12
N GLU A 7 -5.50 -2.35 0.74
CA GLU A 7 -5.87 -0.97 0.47
C GLU A 7 -5.41 -0.55 -0.91
N THR A 8 -6.22 0.26 -1.55
CA THR A 8 -5.91 0.81 -2.85
C THR A 8 -5.42 2.23 -2.65
N CYS A 9 -4.48 2.67 -3.45
CA CYS A 9 -3.95 4.01 -3.30
C CYS A 9 -3.52 4.60 -4.63
N THR A 10 -4.01 5.79 -4.91
CA THR A 10 -3.67 6.49 -6.13
C THR A 10 -2.92 7.77 -5.78
N LEU A 11 -3.29 8.35 -4.65
CA LEU A 11 -2.65 9.57 -4.18
C LEU A 11 -1.36 9.24 -3.44
N GLY A 12 -1.48 8.35 -2.46
CA GLY A 12 -0.34 7.94 -1.67
C GLY A 12 -0.71 7.78 -0.22
N THR A 13 -1.80 7.07 0.03
CA THR A 13 -2.29 6.86 1.38
C THR A 13 -2.41 5.37 1.71
N CYS A 14 -1.90 4.99 2.87
CA CYS A 14 -1.96 3.60 3.33
C CYS A 14 -2.07 3.60 4.85
N TYR A 15 -3.10 2.95 5.36
CA TYR A 15 -3.34 2.89 6.79
C TYR A 15 -2.56 1.76 7.45
N THR A 16 -2.24 0.72 6.67
CA THR A 16 -1.52 -0.43 7.19
C THR A 16 -0.07 -0.10 7.55
N GLN A 17 0.47 -0.87 8.47
CA GLN A 17 1.84 -0.68 8.93
C GLN A 17 2.84 -1.39 8.03
N GLY A 18 3.90 -0.68 7.68
CA GLY A 18 4.93 -1.23 6.82
C GLY A 18 4.54 -1.21 5.35
N CYS A 19 3.26 -0.95 5.11
CA CYS A 19 2.72 -0.90 3.78
C CYS A 19 3.10 0.39 3.07
N THR A 20 3.44 0.28 1.80
CA THR A 20 3.85 1.42 1.01
C THR A 20 2.94 1.56 -0.20
N CYS A 21 2.62 2.79 -0.56
CA CYS A 21 1.76 3.02 -1.70
C CYS A 21 2.48 2.71 -3.00
N SER A 22 1.91 1.80 -3.76
CA SER A 22 2.45 1.39 -5.04
C SER A 22 1.29 1.32 -6.01
N TRP A 23 0.96 2.48 -6.56
CA TRP A 23 -0.15 2.67 -7.48
C TRP A 23 -0.48 1.41 -8.29
N PRO A 24 -1.72 0.93 -8.17
CA PRO A 24 -2.75 1.56 -7.34
C PRO A 24 -3.04 0.80 -6.04
N ILE A 25 -2.04 0.16 -5.43
CA ILE A 25 -2.28 -0.60 -4.20
C ILE A 25 -1.16 -0.43 -3.16
N CYS A 26 -1.53 -0.60 -1.91
CA CYS A 26 -0.57 -0.51 -0.81
C CYS A 26 0.05 -1.90 -0.58
N LYS A 27 1.37 -1.95 -0.48
CA LYS A 27 2.06 -3.22 -0.27
C LYS A 27 3.15 -3.10 0.77
N ARG A 28 3.19 -4.05 1.70
CA ARG A 28 4.21 -4.07 2.73
C ARG A 28 5.23 -5.13 2.37
N ASN A 29 6.49 -4.75 2.44
CA ASN A 29 7.59 -5.66 2.08
C ASN A 29 7.40 -6.14 0.64
N GLY A 1 7.30 -6.05 -0.05
CA GLY A 1 7.22 -6.57 -1.41
C GLY A 1 5.92 -7.31 -1.70
N LEU A 2 4.96 -7.23 -0.80
CA LEU A 2 3.67 -7.90 -0.98
C LEU A 2 2.52 -6.92 -0.80
N PRO A 3 1.65 -6.78 -1.81
CA PRO A 3 0.51 -5.87 -1.75
C PRO A 3 -0.64 -6.41 -0.89
N VAL A 4 -0.30 -6.88 0.30
CA VAL A 4 -1.31 -7.44 1.21
C VAL A 4 -1.64 -6.49 2.36
N CYS A 5 -1.91 -5.25 2.03
CA CYS A 5 -2.26 -4.26 3.04
C CYS A 5 -3.76 -4.04 3.04
N GLY A 6 -4.37 -4.16 1.87
CA GLY A 6 -5.80 -3.97 1.74
C GLY A 6 -6.17 -2.58 1.25
N GLU A 7 -5.29 -1.61 1.52
CA GLU A 7 -5.52 -0.24 1.10
C GLU A 7 -4.98 0.02 -0.29
N THR A 8 -5.63 0.94 -0.98
CA THR A 8 -5.20 1.33 -2.31
C THR A 8 -4.35 2.58 -2.21
N CYS A 9 -3.33 2.67 -3.04
CA CYS A 9 -2.45 3.83 -3.02
C CYS A 9 -2.60 4.68 -4.26
N THR A 10 -3.83 4.86 -4.72
CA THR A 10 -4.08 5.68 -5.89
C THR A 10 -3.98 7.15 -5.50
N LEU A 11 -4.41 7.45 -4.28
CA LEU A 11 -4.37 8.81 -3.75
C LEU A 11 -2.97 9.13 -3.21
N GLY A 12 -2.17 8.09 -3.01
CA GLY A 12 -0.83 8.28 -2.47
C GLY A 12 -0.84 8.33 -0.96
N THR A 13 -1.70 7.51 -0.37
CA THR A 13 -1.85 7.44 1.07
C THR A 13 -1.96 5.99 1.52
N CYS A 14 -1.41 5.68 2.69
CA CYS A 14 -1.46 4.34 3.22
C CYS A 14 -1.27 4.40 4.73
N TYR A 15 -2.10 3.68 5.45
CA TYR A 15 -2.05 3.67 6.90
C TYR A 15 -1.58 2.33 7.44
N THR A 16 -1.49 1.32 6.57
CA THR A 16 -1.08 0.00 7.00
C THR A 16 0.42 -0.04 7.32
N GLN A 17 0.78 -1.00 8.17
CA GLN A 17 2.16 -1.17 8.64
C GLN A 17 3.11 -1.63 7.55
N GLY A 18 4.24 -0.92 7.44
CA GLY A 18 5.28 -1.25 6.47
C GLY A 18 4.78 -1.33 5.05
N CYS A 19 3.74 -0.58 4.76
CA CYS A 19 3.15 -0.56 3.43
C CYS A 19 3.68 0.62 2.62
N THR A 20 4.03 0.34 1.37
CA THR A 20 4.55 1.37 0.48
C THR A 20 3.58 1.64 -0.64
N CYS A 21 3.43 2.90 -1.00
CA CYS A 21 2.52 3.27 -2.07
C CYS A 21 3.05 2.84 -3.42
N SER A 22 2.33 1.93 -4.04
CA SER A 22 2.67 1.42 -5.35
C SER A 22 1.41 1.37 -6.17
N TRP A 23 1.08 2.52 -6.77
CA TRP A 23 -0.13 2.70 -7.55
C TRP A 23 -0.55 1.45 -8.31
N PRO A 24 -1.79 1.02 -8.10
CA PRO A 24 -2.73 1.69 -7.22
C PRO A 24 -2.95 0.98 -5.87
N ILE A 25 -1.92 0.34 -5.31
CA ILE A 25 -2.10 -0.37 -4.05
C ILE A 25 -0.88 -0.30 -3.12
N CYS A 26 -1.14 -0.55 -1.85
CA CYS A 26 -0.12 -0.57 -0.82
C CYS A 26 0.64 -1.90 -0.86
N LYS A 27 1.95 -1.83 -0.75
CA LYS A 27 2.78 -3.02 -0.78
C LYS A 27 3.72 -3.08 0.43
N ARG A 28 3.51 -4.09 1.27
CA ARG A 28 4.34 -4.28 2.45
C ARG A 28 5.30 -5.43 2.24
N ASN A 29 6.57 -5.18 2.51
CA ASN A 29 7.64 -6.18 2.36
C ASN A 29 7.56 -6.85 0.97
N GLY A 1 6.93 -5.71 0.04
CA GLY A 1 6.70 -6.17 -1.32
C GLY A 1 5.44 -7.00 -1.50
N LEU A 2 4.63 -7.10 -0.45
CA LEU A 2 3.39 -7.87 -0.53
C LEU A 2 2.16 -6.97 -0.41
N PRO A 3 1.28 -7.00 -1.41
CA PRO A 3 0.06 -6.19 -1.44
C PRO A 3 -1.04 -6.78 -0.55
N VAL A 4 -0.68 -7.09 0.68
CA VAL A 4 -1.62 -7.67 1.63
C VAL A 4 -2.11 -6.63 2.64
N CYS A 5 -2.12 -5.39 2.22
CA CYS A 5 -2.56 -4.30 3.08
C CYS A 5 -4.06 -4.09 2.92
N GLY A 6 -4.55 -4.32 1.71
CA GLY A 6 -5.96 -4.16 1.41
C GLY A 6 -6.35 -2.70 1.27
N GLU A 7 -5.40 -1.90 0.81
CA GLU A 7 -5.62 -0.47 0.62
C GLU A 7 -5.12 -0.03 -0.75
N THR A 8 -5.70 1.04 -1.24
CA THR A 8 -5.31 1.58 -2.53
C THR A 8 -4.53 2.87 -2.33
N CYS A 9 -3.54 3.11 -3.17
CA CYS A 9 -2.74 4.32 -3.04
C CYS A 9 -2.83 5.16 -4.30
N THR A 10 -4.01 5.23 -4.89
CA THR A 10 -4.21 6.05 -6.06
C THR A 10 -4.17 7.52 -5.65
N LEU A 11 -4.55 7.77 -4.40
CA LEU A 11 -4.56 9.10 -3.83
C LEU A 11 -3.16 9.49 -3.36
N GLY A 12 -2.30 8.49 -3.17
CA GLY A 12 -0.95 8.76 -2.71
C GLY A 12 -0.84 8.72 -1.20
N THR A 13 -1.45 7.70 -0.61
CA THR A 13 -1.44 7.52 0.84
C THR A 13 -1.70 6.05 1.18
N CYS A 14 -1.18 5.62 2.32
CA CYS A 14 -1.36 4.27 2.80
C CYS A 14 -1.52 4.34 4.32
N TYR A 15 -2.54 3.69 4.82
CA TYR A 15 -2.83 3.70 6.25
C TYR A 15 -2.23 2.48 6.95
N THR A 16 -1.96 1.44 6.18
CA THR A 16 -1.39 0.22 6.74
C THR A 16 0.06 0.41 7.17
N GLN A 17 0.48 -0.43 8.10
CA GLN A 17 1.84 -0.35 8.63
C GLN A 17 2.82 -1.13 7.78
N GLY A 18 3.96 -0.50 7.49
CA GLY A 18 5.00 -1.12 6.68
C GLY A 18 4.65 -1.15 5.21
N CYS A 19 3.43 -0.74 4.90
CA CYS A 19 2.94 -0.73 3.54
C CYS A 19 3.46 0.49 2.80
N THR A 20 3.94 0.26 1.58
CA THR A 20 4.49 1.31 0.75
C THR A 20 3.56 1.62 -0.41
N CYS A 21 3.55 2.86 -0.84
CA CYS A 21 2.69 3.28 -1.93
C CYS A 21 3.17 2.70 -3.26
N SER A 22 2.34 1.88 -3.86
CA SER A 22 2.62 1.26 -5.13
C SER A 22 1.35 1.32 -5.98
N TRP A 23 1.13 2.48 -6.59
CA TRP A 23 -0.06 2.73 -7.41
C TRP A 23 -0.47 1.50 -8.21
N PRO A 24 -1.76 1.13 -8.12
CA PRO A 24 -2.74 1.86 -7.34
C PRO A 24 -3.02 1.24 -5.96
N ILE A 25 -2.05 0.56 -5.37
CA ILE A 25 -2.26 -0.06 -4.06
C ILE A 25 -1.09 0.21 -3.09
N CYS A 26 -1.09 -0.53 -1.99
CA CYS A 26 -0.05 -0.42 -0.98
C CYS A 26 0.49 -1.81 -0.69
N LYS A 27 1.80 -1.94 -0.54
CA LYS A 27 2.40 -3.25 -0.28
C LYS A 27 3.44 -3.17 0.82
N ARG A 28 3.37 -4.11 1.75
CA ARG A 28 4.33 -4.16 2.84
C ARG A 28 5.32 -5.26 2.53
N ASN A 29 6.61 -4.93 2.65
CA ASN A 29 7.73 -5.84 2.32
C ASN A 29 7.52 -6.48 0.95
N GLY A 1 7.28 -6.31 -0.08
CA GLY A 1 7.06 -7.04 -1.32
C GLY A 1 5.73 -7.77 -1.36
N LEU A 2 4.86 -7.51 -0.38
CA LEU A 2 3.55 -8.14 -0.33
C LEU A 2 2.45 -7.09 -0.34
N PRO A 3 1.65 -7.04 -1.42
CA PRO A 3 0.55 -6.08 -1.56
C PRO A 3 -0.70 -6.53 -0.79
N VAL A 4 -0.49 -6.99 0.43
CA VAL A 4 -1.59 -7.46 1.26
C VAL A 4 -1.94 -6.48 2.37
N CYS A 5 -1.98 -5.21 2.03
CA CYS A 5 -2.33 -4.16 2.99
C CYS A 5 -3.83 -3.95 2.99
N GLY A 6 -4.44 -4.12 1.82
CA GLY A 6 -5.87 -3.96 1.68
C GLY A 6 -6.28 -2.51 1.50
N GLU A 7 -5.36 -1.70 1.01
CA GLU A 7 -5.62 -0.29 0.78
C GLU A 7 -5.16 0.11 -0.61
N THR A 8 -5.82 1.09 -1.18
CA THR A 8 -5.45 1.58 -2.49
C THR A 8 -4.59 2.83 -2.35
N CYS A 9 -3.60 2.96 -3.21
CA CYS A 9 -2.71 4.11 -3.15
C CYS A 9 -2.84 4.98 -4.38
N THR A 10 -4.06 5.18 -4.85
CA THR A 10 -4.27 6.02 -6.00
C THR A 10 -4.10 7.48 -5.57
N LEU A 11 -4.52 7.76 -4.33
CA LEU A 11 -4.40 9.08 -3.75
C LEU A 11 -2.98 9.25 -3.20
N GLY A 12 -2.44 8.17 -2.65
CA GLY A 12 -1.11 8.20 -2.09
C GLY A 12 -1.14 8.12 -0.58
N THR A 13 -1.94 7.19 -0.07
CA THR A 13 -2.09 7.01 1.37
C THR A 13 -2.17 5.52 1.72
N CYS A 14 -1.58 5.16 2.84
CA CYS A 14 -1.60 3.78 3.32
C CYS A 14 -1.44 3.78 4.84
N TYR A 15 -2.40 3.19 5.52
CA TYR A 15 -2.39 3.15 6.98
C TYR A 15 -1.66 1.94 7.52
N THR A 16 -1.48 0.92 6.70
CA THR A 16 -0.81 -0.29 7.13
C THR A 16 0.67 -0.05 7.40
N GLN A 17 1.26 -0.90 8.21
CA GLN A 17 2.65 -0.78 8.61
C GLN A 17 3.59 -1.42 7.57
N GLY A 18 4.66 -0.70 7.25
CA GLY A 18 5.64 -1.17 6.30
C GLY A 18 5.14 -1.13 4.86
N CYS A 19 3.87 -0.81 4.71
CA CYS A 19 3.23 -0.75 3.42
C CYS A 19 3.69 0.47 2.64
N THR A 20 3.91 0.28 1.34
CA THR A 20 4.35 1.35 0.48
C THR A 20 3.41 1.49 -0.70
N CYS A 21 3.14 2.73 -1.08
CA CYS A 21 2.24 3.00 -2.18
C CYS A 21 2.77 2.39 -3.48
N SER A 22 1.94 1.55 -4.06
CA SER A 22 2.25 0.87 -5.30
C SER A 22 1.02 0.95 -6.18
N TRP A 23 0.78 2.15 -6.71
CA TRP A 23 -0.40 2.44 -7.53
C TRP A 23 -0.84 1.25 -8.38
N PRO A 24 -2.13 0.89 -8.27
CA PRO A 24 -3.08 1.59 -7.42
C PRO A 24 -3.29 0.93 -6.05
N ILE A 25 -2.35 0.09 -5.62
CA ILE A 25 -2.48 -0.61 -4.34
C ILE A 25 -1.38 -0.22 -3.37
N CYS A 26 -1.22 -1.02 -2.33
CA CYS A 26 -0.20 -0.80 -1.32
C CYS A 26 0.53 -2.12 -1.08
N LYS A 27 1.84 -2.05 -0.92
CA LYS A 27 2.66 -3.25 -0.75
C LYS A 27 3.70 -3.11 0.37
N ARG A 28 3.72 -4.07 1.29
CA ARG A 28 4.70 -4.06 2.37
C ARG A 28 5.62 -5.26 2.25
N ASN A 29 6.92 -4.98 2.32
CA ASN A 29 7.96 -6.02 2.23
C ASN A 29 7.76 -6.91 1.00
N GLY A 1 7.20 -5.89 -0.39
CA GLY A 1 7.00 -6.54 -1.67
C GLY A 1 5.76 -7.44 -1.71
N LEU A 2 4.83 -7.20 -0.80
CA LEU A 2 3.59 -7.98 -0.76
C LEU A 2 2.39 -7.06 -0.52
N PRO A 3 1.43 -7.06 -1.44
CA PRO A 3 0.22 -6.23 -1.34
C PRO A 3 -0.80 -6.80 -0.35
N VAL A 4 -0.35 -7.04 0.88
CA VAL A 4 -1.21 -7.60 1.90
C VAL A 4 -1.69 -6.54 2.90
N CYS A 5 -2.24 -5.48 2.36
CA CYS A 5 -2.79 -4.40 3.17
C CYS A 5 -4.25 -4.15 2.78
N GLY A 6 -4.55 -4.40 1.51
CA GLY A 6 -5.92 -4.23 1.02
C GLY A 6 -6.26 -2.80 0.66
N GLU A 7 -5.40 -1.86 1.04
CA GLU A 7 -5.65 -0.45 0.76
C GLU A 7 -5.10 -0.05 -0.59
N THR A 8 -5.81 0.87 -1.22
CA THR A 8 -5.40 1.42 -2.48
C THR A 8 -4.66 2.71 -2.20
N CYS A 9 -3.65 3.02 -2.99
CA CYS A 9 -2.89 4.23 -2.72
C CYS A 9 -2.86 5.16 -3.93
N THR A 10 -3.97 5.21 -4.67
CA THR A 10 -4.05 6.09 -5.83
C THR A 10 -3.91 7.56 -5.38
N LEU A 11 -4.33 7.82 -4.15
CA LEU A 11 -4.24 9.15 -3.57
C LEU A 11 -2.83 9.44 -3.03
N GLY A 12 -1.95 8.44 -3.12
CA GLY A 12 -0.58 8.61 -2.64
C GLY A 12 -0.47 8.53 -1.13
N THR A 13 -1.12 7.56 -0.54
CA THR A 13 -1.09 7.37 0.92
C THR A 13 -1.43 5.93 1.27
N CYS A 14 -0.97 5.50 2.44
CA CYS A 14 -1.23 4.16 2.94
C CYS A 14 -1.41 4.23 4.44
N TYR A 15 -2.51 3.67 4.92
CA TYR A 15 -2.82 3.68 6.33
C TYR A 15 -2.12 2.52 7.04
N THR A 16 -1.99 1.41 6.33
CA THR A 16 -1.35 0.23 6.87
C THR A 16 0.12 0.46 7.18
N GLN A 17 0.60 -0.27 8.16
CA GLN A 17 1.98 -0.16 8.59
C GLN A 17 2.91 -0.99 7.70
N GLY A 18 4.05 -0.41 7.36
CA GLY A 18 5.02 -1.10 6.52
C GLY A 18 4.66 -1.10 5.05
N CYS A 19 3.42 -0.76 4.73
CA CYS A 19 2.97 -0.74 3.36
C CYS A 19 3.52 0.48 2.62
N THR A 20 3.89 0.27 1.37
CA THR A 20 4.42 1.34 0.54
C THR A 20 3.51 1.56 -0.65
N CYS A 21 3.32 2.80 -1.03
CA CYS A 21 2.45 3.11 -2.15
C CYS A 21 3.01 2.56 -3.45
N SER A 22 2.22 1.73 -4.08
CA SER A 22 2.56 1.12 -5.35
C SER A 22 1.32 1.18 -6.23
N TRP A 23 1.04 2.40 -6.70
CA TRP A 23 -0.15 2.69 -7.52
C TRP A 23 -0.62 1.51 -8.34
N PRO A 24 -1.91 1.15 -8.18
CA PRO A 24 -2.81 1.86 -7.30
C PRO A 24 -3.06 1.18 -5.95
N ILE A 25 -2.12 0.37 -5.47
CA ILE A 25 -2.32 -0.35 -4.20
C ILE A 25 -1.12 -0.22 -3.26
N CYS A 26 -1.36 -0.46 -1.99
CA CYS A 26 -0.30 -0.42 -1.00
C CYS A 26 0.33 -1.80 -0.89
N LYS A 27 1.66 -1.83 -0.89
CA LYS A 27 2.39 -3.09 -0.82
C LYS A 27 3.49 -3.03 0.25
N ARG A 28 3.45 -3.97 1.19
CA ARG A 28 4.45 -4.01 2.26
C ARG A 28 5.45 -5.13 2.01
N ASN A 29 6.72 -4.80 2.14
CA ASN A 29 7.82 -5.76 1.95
C ASN A 29 7.66 -6.56 0.66
N GLY A 1 7.08 -6.02 -0.12
CA GLY A 1 6.98 -6.54 -1.47
C GLY A 1 5.74 -7.38 -1.69
N LEU A 2 4.76 -7.25 -0.79
CA LEU A 2 3.51 -7.99 -0.91
C LEU A 2 2.31 -7.08 -0.63
N PRO A 3 1.35 -7.03 -1.56
CA PRO A 3 0.14 -6.21 -1.42
C PRO A 3 -0.86 -6.81 -0.45
N VAL A 4 -0.40 -7.11 0.76
CA VAL A 4 -1.25 -7.71 1.77
C VAL A 4 -1.70 -6.71 2.83
N CYS A 5 -2.09 -5.54 2.37
CA CYS A 5 -2.58 -4.49 3.26
C CYS A 5 -4.06 -4.27 3.00
N GLY A 6 -4.46 -4.50 1.75
CA GLY A 6 -5.85 -4.36 1.35
C GLY A 6 -6.25 -2.92 1.15
N GLU A 7 -5.32 -2.09 0.71
CA GLU A 7 -5.62 -0.68 0.48
C GLU A 7 -5.12 -0.23 -0.87
N THR A 8 -5.82 0.73 -1.46
CA THR A 8 -5.41 1.32 -2.71
C THR A 8 -4.66 2.59 -2.38
N CYS A 9 -3.63 2.92 -3.12
CA CYS A 9 -2.87 4.11 -2.81
C CYS A 9 -2.81 5.07 -3.99
N THR A 10 -3.89 5.17 -4.74
CA THR A 10 -3.94 6.09 -5.87
C THR A 10 -3.81 7.53 -5.38
N LEU A 11 -4.27 7.76 -4.15
CA LEU A 11 -4.19 9.07 -3.53
C LEU A 11 -2.79 9.32 -2.95
N GLY A 12 -2.04 8.23 -2.77
CA GLY A 12 -0.71 8.32 -2.22
C GLY A 12 -0.68 8.21 -0.71
N THR A 13 -1.40 7.22 -0.19
CA THR A 13 -1.47 7.00 1.24
C THR A 13 -1.79 5.54 1.55
N CYS A 14 -1.39 5.08 2.73
CA CYS A 14 -1.62 3.72 3.19
C CYS A 14 -1.72 3.74 4.71
N TYR A 15 -2.80 3.20 5.24
CA TYR A 15 -3.02 3.18 6.68
C TYR A 15 -2.19 2.09 7.36
N THR A 16 -2.03 0.96 6.66
CA THR A 16 -1.27 -0.15 7.20
C THR A 16 0.19 0.22 7.46
N GLN A 17 0.76 -0.44 8.45
CA GLN A 17 2.14 -0.21 8.83
C GLN A 17 3.08 -1.03 7.95
N GLY A 18 4.14 -0.39 7.47
CA GLY A 18 5.12 -1.09 6.64
C GLY A 18 4.70 -1.16 5.19
N CYS A 19 3.51 -0.71 4.88
CA CYS A 19 3.02 -0.73 3.51
C CYS A 19 3.59 0.45 2.73
N THR A 20 3.86 0.23 1.45
CA THR A 20 4.41 1.26 0.59
C THR A 20 3.51 1.43 -0.63
N CYS A 21 3.37 2.65 -1.09
CA CYS A 21 2.51 2.90 -2.22
C CYS A 21 3.09 2.33 -3.51
N SER A 22 2.28 1.52 -4.16
CA SER A 22 2.62 0.90 -5.43
C SER A 22 1.40 1.02 -6.32
N TRP A 23 1.15 2.27 -6.74
CA TRP A 23 -0.01 2.63 -7.55
C TRP A 23 -0.52 1.49 -8.43
N PRO A 24 -1.81 1.18 -8.29
CA PRO A 24 -2.70 1.87 -7.37
C PRO A 24 -2.97 1.12 -6.07
N ILE A 25 -2.03 0.29 -5.61
CA ILE A 25 -2.25 -0.48 -4.37
C ILE A 25 -1.10 -0.34 -3.38
N CYS A 26 -1.42 -0.58 -2.11
CA CYS A 26 -0.41 -0.54 -1.06
C CYS A 26 0.29 -1.90 -0.99
N LYS A 27 1.60 -1.88 -0.82
CA LYS A 27 2.39 -3.11 -0.79
C LYS A 27 3.40 -3.08 0.36
N ARG A 28 3.32 -4.06 1.26
CA ARG A 28 4.24 -4.15 2.38
C ARG A 28 5.19 -5.32 2.19
N ASN A 29 6.48 -5.08 2.40
CA ASN A 29 7.50 -6.12 2.26
C ASN A 29 7.44 -6.79 0.90
N GLY A 1 6.94 -6.14 0.10
CA GLY A 1 6.85 -6.55 -1.29
C GLY A 1 5.62 -7.40 -1.58
N LEU A 2 4.65 -7.37 -0.68
CA LEU A 2 3.42 -8.13 -0.83
C LEU A 2 2.21 -7.23 -0.68
N PRO A 3 1.33 -7.20 -1.70
CA PRO A 3 0.11 -6.37 -1.69
C PRO A 3 -0.96 -6.94 -0.78
N VAL A 4 -0.60 -7.25 0.45
CA VAL A 4 -1.54 -7.82 1.42
C VAL A 4 -1.99 -6.78 2.44
N CYS A 5 -1.95 -5.53 2.05
CA CYS A 5 -2.38 -4.44 2.92
C CYS A 5 -3.85 -4.15 2.70
N GLY A 6 -4.29 -4.31 1.46
CA GLY A 6 -5.68 -4.07 1.12
C GLY A 6 -5.99 -2.59 0.88
N GLU A 7 -5.01 -1.74 1.17
CA GLU A 7 -5.18 -0.31 1.01
C GLU A 7 -4.81 0.12 -0.40
N THR A 8 -5.53 1.12 -0.89
CA THR A 8 -5.27 1.69 -2.18
C THR A 8 -4.46 2.96 -1.97
N CYS A 9 -3.58 3.29 -2.89
CA CYS A 9 -2.76 4.47 -2.71
C CYS A 9 -2.72 5.36 -3.95
N THR A 10 -3.85 5.49 -4.63
CA THR A 10 -3.91 6.34 -5.81
C THR A 10 -3.69 7.80 -5.41
N LEU A 11 -4.03 8.12 -4.17
CA LEU A 11 -3.85 9.48 -3.64
C LEU A 11 -2.40 9.68 -3.20
N GLY A 12 -1.66 8.58 -3.10
CA GLY A 12 -0.27 8.64 -2.67
C GLY A 12 -0.16 8.52 -1.16
N THR A 13 -1.04 7.73 -0.57
CA THR A 13 -1.06 7.51 0.87
C THR A 13 -1.35 6.05 1.20
N CYS A 14 -0.76 5.56 2.28
CA CYS A 14 -0.96 4.19 2.70
C CYS A 14 -1.33 4.15 4.17
N TYR A 15 -2.49 3.60 4.44
CA TYR A 15 -3.01 3.51 5.79
C TYR A 15 -2.32 2.40 6.58
N THR A 16 -1.90 1.34 5.89
CA THR A 16 -1.24 0.23 6.55
C THR A 16 0.22 0.53 6.87
N GLN A 17 0.75 -0.19 7.83
CA GLN A 17 2.13 -0.01 8.28
C GLN A 17 3.08 -0.90 7.49
N GLY A 18 4.22 -0.34 7.10
CA GLY A 18 5.22 -1.09 6.34
C GLY A 18 4.79 -1.28 4.89
N CYS A 19 3.65 -0.71 4.56
CA CYS A 19 3.11 -0.81 3.22
C CYS A 19 3.61 0.36 2.36
N THR A 20 4.04 0.05 1.16
CA THR A 20 4.56 1.04 0.25
C THR A 20 3.60 1.28 -0.90
N CYS A 21 3.46 2.54 -1.29
CA CYS A 21 2.56 2.89 -2.37
C CYS A 21 3.03 2.31 -3.69
N SER A 22 2.16 1.52 -4.28
CA SER A 22 2.40 0.87 -5.56
C SER A 22 1.14 1.03 -6.37
N TRP A 23 0.91 2.28 -6.81
CA TRP A 23 -0.29 2.68 -7.56
C TRP A 23 -0.91 1.52 -8.35
N PRO A 24 -2.18 1.23 -8.04
CA PRO A 24 -2.95 1.96 -7.05
C PRO A 24 -3.13 1.22 -5.71
N ILE A 25 -2.15 0.40 -5.31
CA ILE A 25 -2.28 -0.35 -4.05
C ILE A 25 -1.04 -0.24 -3.18
N CYS A 26 -1.18 -0.55 -1.91
CA CYS A 26 -0.06 -0.53 -0.98
C CYS A 26 0.45 -1.95 -0.74
N LYS A 27 1.77 -2.14 -0.78
CA LYS A 27 2.35 -3.46 -0.57
C LYS A 27 3.36 -3.44 0.59
N ARG A 28 3.21 -4.38 1.50
CA ARG A 28 4.11 -4.49 2.64
C ARG A 28 5.05 -5.66 2.42
N ASN A 29 6.32 -5.41 2.65
CA ASN A 29 7.37 -6.42 2.47
C ASN A 29 7.33 -6.99 1.04
N GLY A 1 7.09 -5.89 0.20
CA GLY A 1 7.02 -6.44 -1.15
C GLY A 1 5.80 -7.32 -1.37
N LEU A 2 4.78 -7.17 -0.53
CA LEU A 2 3.57 -7.95 -0.64
C LEU A 2 2.34 -7.05 -0.50
N PRO A 3 1.46 -7.05 -1.51
CA PRO A 3 0.25 -6.23 -1.51
C PRO A 3 -0.85 -6.83 -0.62
N VAL A 4 -0.48 -7.13 0.62
CA VAL A 4 -1.42 -7.73 1.56
C VAL A 4 -1.95 -6.73 2.57
N CYS A 5 -1.94 -5.47 2.19
CA CYS A 5 -2.45 -4.41 3.06
C CYS A 5 -3.94 -4.21 2.80
N GLY A 6 -4.34 -4.47 1.55
CA GLY A 6 -5.74 -4.34 1.17
C GLY A 6 -6.19 -2.89 1.11
N GLU A 7 -5.27 -2.02 0.71
CA GLU A 7 -5.58 -0.59 0.60
C GLU A 7 -5.12 -0.05 -0.73
N THR A 8 -5.84 0.94 -1.22
CA THR A 8 -5.48 1.60 -2.45
C THR A 8 -4.66 2.81 -2.11
N CYS A 9 -3.66 3.12 -2.90
CA CYS A 9 -2.81 4.26 -2.59
C CYS A 9 -2.75 5.25 -3.74
N THR A 10 -3.84 5.38 -4.48
CA THR A 10 -3.88 6.34 -5.59
C THR A 10 -3.75 7.76 -5.06
N LEU A 11 -4.13 7.95 -3.81
CA LEU A 11 -4.04 9.25 -3.15
C LEU A 11 -2.61 9.48 -2.65
N GLY A 12 -1.81 8.43 -2.67
CA GLY A 12 -0.44 8.51 -2.21
C GLY A 12 -0.34 8.36 -0.71
N THR A 13 -1.10 7.41 -0.17
CA THR A 13 -1.12 7.15 1.26
C THR A 13 -1.53 5.71 1.56
N CYS A 14 -1.08 5.20 2.71
CA CYS A 14 -1.39 3.85 3.14
C CYS A 14 -1.55 3.86 4.66
N TYR A 15 -2.64 3.30 5.13
CA TYR A 15 -2.93 3.25 6.55
C TYR A 15 -2.20 2.10 7.21
N THR A 16 -2.05 1.00 6.48
CA THR A 16 -1.39 -0.18 7.00
C THR A 16 0.05 0.09 7.43
N GLN A 17 0.52 -0.72 8.37
CA GLN A 17 1.85 -0.58 8.91
C GLN A 17 2.92 -1.18 8.00
N GLY A 18 3.92 -0.37 7.67
CA GLY A 18 5.01 -0.83 6.83
C GLY A 18 4.60 -1.08 5.39
N CYS A 19 3.55 -0.42 4.94
CA CYS A 19 3.09 -0.57 3.57
C CYS A 19 3.65 0.54 2.71
N THR A 20 3.89 0.26 1.44
CA THR A 20 4.44 1.25 0.53
C THR A 20 3.52 1.42 -0.66
N CYS A 21 3.39 2.65 -1.13
CA CYS A 21 2.51 2.92 -2.25
C CYS A 21 3.05 2.34 -3.54
N SER A 22 2.22 1.53 -4.18
CA SER A 22 2.52 0.92 -5.45
C SER A 22 1.29 1.07 -6.31
N TRP A 23 1.04 2.33 -6.70
CA TRP A 23 -0.13 2.74 -7.48
C TRP A 23 -0.69 1.62 -8.36
N PRO A 24 -1.98 1.34 -8.18
CA PRO A 24 -2.83 2.03 -7.22
C PRO A 24 -3.07 1.26 -5.92
N ILE A 25 -2.14 0.39 -5.53
CA ILE A 25 -2.33 -0.40 -4.31
C ILE A 25 -1.16 -0.27 -3.33
N CYS A 26 -1.44 -0.53 -2.07
CA CYS A 26 -0.42 -0.50 -1.04
C CYS A 26 0.26 -1.87 -0.96
N LYS A 27 1.57 -1.86 -0.77
CA LYS A 27 2.35 -3.09 -0.71
C LYS A 27 3.34 -3.06 0.45
N ARG A 28 3.20 -3.97 1.40
CA ARG A 28 4.11 -4.02 2.55
C ARG A 28 5.05 -5.20 2.43
N ASN A 29 6.33 -4.93 2.67
CA ASN A 29 7.38 -5.95 2.60
C ASN A 29 7.35 -6.66 1.24
N GLY A 1 7.14 -5.86 0.26
CA GLY A 1 7.00 -6.27 -1.11
C GLY A 1 5.77 -7.15 -1.36
N LEU A 2 4.83 -7.13 -0.41
CA LEU A 2 3.61 -7.92 -0.54
C LEU A 2 2.37 -7.02 -0.49
N PRO A 3 1.56 -7.04 -1.55
CA PRO A 3 0.34 -6.21 -1.64
C PRO A 3 -0.82 -6.73 -0.78
N VAL A 4 -0.52 -7.06 0.46
CA VAL A 4 -1.53 -7.58 1.38
C VAL A 4 -1.95 -6.56 2.42
N CYS A 5 -1.97 -5.30 2.01
CA CYS A 5 -2.37 -4.22 2.91
C CYS A 5 -3.88 -4.00 2.85
N GLY A 6 -4.44 -4.17 1.66
CA GLY A 6 -5.87 -4.00 1.48
C GLY A 6 -6.26 -2.54 1.31
N GLU A 7 -5.34 -1.75 0.77
CA GLU A 7 -5.59 -0.34 0.53
C GLU A 7 -5.07 0.06 -0.84
N THR A 8 -5.61 1.14 -1.37
CA THR A 8 -5.20 1.66 -2.65
C THR A 8 -4.41 2.94 -2.45
N CYS A 9 -3.36 3.12 -3.22
CA CYS A 9 -2.56 4.33 -3.10
C CYS A 9 -2.76 5.25 -4.28
N THR A 10 -3.98 5.27 -4.81
CA THR A 10 -4.28 6.15 -5.91
C THR A 10 -4.33 7.58 -5.39
N LEU A 11 -4.67 7.70 -4.11
CA LEU A 11 -4.73 8.99 -3.43
C LEU A 11 -3.35 9.40 -2.97
N GLY A 12 -2.41 8.45 -2.94
CA GLY A 12 -1.06 8.75 -2.50
C GLY A 12 -0.91 8.58 -1.00
N THR A 13 -1.50 7.54 -0.46
CA THR A 13 -1.42 7.26 0.97
C THR A 13 -1.99 5.88 1.29
N CYS A 14 -1.59 5.39 2.44
CA CYS A 14 -2.00 4.09 2.97
C CYS A 14 -1.74 4.09 4.46
N TYR A 15 -2.70 3.61 5.24
CA TYR A 15 -2.58 3.60 6.69
C TYR A 15 -2.11 2.26 7.23
N THR A 16 -1.68 1.37 6.35
CA THR A 16 -1.23 0.06 6.80
C THR A 16 0.23 0.10 7.26
N GLN A 17 0.58 -0.88 8.07
CA GLN A 17 1.93 -0.98 8.63
C GLN A 17 2.93 -1.53 7.63
N GLY A 18 4.05 -0.81 7.52
CA GLY A 18 5.14 -1.19 6.64
C GLY A 18 4.74 -1.28 5.18
N CYS A 19 3.63 -0.67 4.83
CA CYS A 19 3.13 -0.69 3.47
C CYS A 19 3.70 0.47 2.66
N THR A 20 4.14 0.16 1.45
CA THR A 20 4.73 1.16 0.58
C THR A 20 3.79 1.47 -0.57
N CYS A 21 3.73 2.74 -0.95
CA CYS A 21 2.86 3.17 -2.04
C CYS A 21 3.28 2.51 -3.34
N SER A 22 2.36 1.73 -3.90
CA SER A 22 2.60 1.02 -5.14
C SER A 22 1.36 1.17 -6.01
N TRP A 23 1.12 2.40 -6.48
CA TRP A 23 -0.06 2.72 -7.30
C TRP A 23 -0.46 1.57 -8.22
N PRO A 24 -1.75 1.20 -8.17
CA PRO A 24 -2.73 1.85 -7.32
C PRO A 24 -2.95 1.17 -5.97
N ILE A 25 -1.96 0.43 -5.47
CA ILE A 25 -2.10 -0.25 -4.18
C ILE A 25 -0.92 0.07 -3.25
N CYS A 26 -0.73 -0.79 -2.26
CA CYS A 26 0.37 -0.65 -1.31
C CYS A 26 0.87 -2.03 -0.92
N LYS A 27 2.18 -2.17 -0.78
CA LYS A 27 2.77 -3.45 -0.44
C LYS A 27 3.69 -3.35 0.77
N ARG A 28 3.54 -4.27 1.70
CA ARG A 28 4.41 -4.32 2.86
C ARG A 28 5.41 -5.42 2.65
N ASN A 29 6.67 -5.11 2.81
CA ASN A 29 7.76 -6.08 2.60
C ASN A 29 7.67 -6.66 1.19
#